data_1UC8
#
_entry.id   1UC8
#
_cell.length_a   124.652
_cell.length_b   51.366
_cell.length_c   103.594
_cell.angle_alpha   90.00
_cell.angle_beta   122.81
_cell.angle_gamma   90.00
#
_symmetry.space_group_name_H-M   'C 1 2 1'
#
loop_
_entity.id
_entity.type
_entity.pdbx_description
1 polymer 'lysine biosynthesis enzyme'
2 water water
#
_entity_poly.entity_id   1
_entity_poly.type   'polypeptide(L)'
_entity_poly.pdbx_seq_one_letter_code
;MLAILYDRIRPDERMLFERAEALGLPYKKVYVPALPMVLGERPKELEGVTVALERCVSQSRGLAAARYLTALGIPVVNRP
EVIEACGDKWATSVALAKAGLPQPKTALATDREEALRLMEAFGYPVVLKPVIGSWGRLLA(UNK)(UNK)(UNK)(UNK)
(UNK)(UNK)(UNK)(UNK)(UNK)(UNK)(UNK)(UNK)(UNK)(UNK)KEVLGGFQHQLFYIQEYVEKPGRDIRVFVV
GERAIAAIYRRSAHWITNTARGGQAENCPLTEEVARLSVKAAEAVGGGVVAVDLFESERGLLVNEVNHTMEFKNSVHTTG
VDIPGEILKYAWSLAS
;
_entity_poly.pdbx_strand_id   A,B
#
# COMPACT_ATOMS: atom_id res chain seq x y z
N MET A 1 3.10 -27.85 -3.94
CA MET A 1 2.89 -27.97 -2.47
C MET A 1 2.79 -26.60 -1.80
N LEU A 2 2.34 -26.60 -0.55
CA LEU A 2 2.19 -25.39 0.22
C LEU A 2 3.53 -24.94 0.78
N ALA A 3 3.75 -23.63 0.78
CA ALA A 3 4.97 -23.08 1.33
C ALA A 3 4.54 -22.19 2.50
N ILE A 4 5.01 -22.51 3.70
CA ILE A 4 4.68 -21.68 4.85
C ILE A 4 5.85 -20.71 5.04
N LEU A 5 5.61 -19.44 4.73
CA LEU A 5 6.64 -18.41 4.85
C LEU A 5 6.69 -17.90 6.27
N TYR A 6 7.88 -17.86 6.85
CA TYR A 6 8.02 -17.39 8.22
C TYR A 6 9.39 -16.75 8.48
N ASP A 7 9.51 -16.10 9.63
CA ASP A 7 10.80 -15.51 10.03
C ASP A 7 11.05 -15.99 11.45
N ARG A 8 10.12 -15.73 12.37
CA ARG A 8 10.27 -16.20 13.74
C ARG A 8 9.17 -17.22 14.04
N ILE A 9 9.56 -18.40 14.49
CA ILE A 9 8.57 -19.44 14.79
C ILE A 9 7.86 -19.25 16.12
N ARG A 10 6.57 -18.92 16.06
CA ARG A 10 5.75 -18.74 17.24
C ARG A 10 4.91 -20.01 17.38
N PRO A 11 4.19 -20.17 18.50
CA PRO A 11 3.36 -21.38 18.68
C PRO A 11 2.35 -21.51 17.55
N ASP A 12 1.90 -20.38 17.02
CA ASP A 12 0.94 -20.36 15.93
C ASP A 12 1.53 -21.09 14.73
N GLU A 13 2.78 -20.76 14.40
CA GLU A 13 3.45 -21.40 13.26
C GLU A 13 3.66 -22.88 13.53
N ARG A 14 4.07 -23.22 14.74
CA ARG A 14 4.30 -24.62 15.08
C ARG A 14 3.01 -25.44 14.94
N MET A 15 1.89 -24.86 15.34
CA MET A 15 0.62 -25.56 15.23
C MET A 15 0.32 -25.76 13.75
N LEU A 16 0.66 -24.77 12.93
CA LEU A 16 0.44 -24.88 11.49
C LEU A 16 1.26 -26.04 10.94
N PHE A 17 2.52 -26.12 11.35
CA PHE A 17 3.41 -27.19 10.88
C PHE A 17 2.82 -28.55 11.27
N GLU A 18 2.41 -28.67 12.53
CA GLU A 18 1.85 -29.92 13.04
C GLU A 18 0.54 -30.33 12.39
N ARG A 19 -0.36 -29.38 12.14
CA ARG A 19 -1.63 -29.71 11.50
C ARG A 19 -1.43 -30.13 10.05
N ALA A 20 -0.51 -29.46 9.36
CA ALA A 20 -0.22 -29.80 7.96
C ALA A 20 0.29 -31.23 7.90
N GLU A 21 1.18 -31.57 8.83
CA GLU A 21 1.74 -32.91 8.88
C GLU A 21 0.63 -33.93 9.14
N ALA A 22 -0.25 -33.62 10.08
CA ALA A 22 -1.36 -34.51 10.43
C ALA A 22 -2.41 -34.60 9.33
N LEU A 23 -2.54 -33.54 8.54
CA LEU A 23 -3.54 -33.53 7.47
C LEU A 23 -3.03 -34.19 6.20
N GLY A 24 -1.72 -34.38 6.12
CA GLY A 24 -1.17 -34.97 4.91
C GLY A 24 -1.22 -33.94 3.79
N LEU A 25 -0.99 -32.69 4.15
CA LEU A 25 -1.00 -31.60 3.19
C LEU A 25 0.47 -31.34 2.83
N PRO A 26 0.86 -31.67 1.58
CA PRO A 26 2.25 -31.46 1.16
C PRO A 26 2.68 -30.00 1.35
N TYR A 27 3.74 -29.81 2.12
CA TYR A 27 4.22 -28.45 2.39
C TYR A 27 5.69 -28.45 2.72
N LYS A 28 6.23 -27.24 2.88
CA LYS A 28 7.63 -27.04 3.26
C LYS A 28 7.72 -25.71 3.98
N LYS A 29 8.67 -25.61 4.89
CA LYS A 29 8.89 -24.38 5.65
C LYS A 29 9.88 -23.53 4.85
N VAL A 30 9.60 -22.24 4.72
CA VAL A 30 10.49 -21.33 3.99
C VAL A 30 10.86 -20.15 4.88
N TYR A 31 12.13 -20.10 5.27
CA TYR A 31 12.66 -19.03 6.13
C TYR A 31 12.87 -17.80 5.26
N VAL A 32 11.95 -16.85 5.31
CA VAL A 32 12.04 -15.66 4.47
C VAL A 32 13.31 -14.79 4.58
N PRO A 33 13.80 -14.53 5.80
CA PRO A 33 15.00 -13.70 5.92
C PRO A 33 16.17 -14.12 5.02
N ALA A 34 16.27 -15.41 4.73
CA ALA A 34 17.36 -15.92 3.89
C ALA A 34 16.93 -16.28 2.48
N LEU A 35 15.68 -15.96 2.14
CA LEU A 35 15.17 -16.27 0.80
C LEU A 35 15.62 -15.23 -0.22
N PRO A 36 16.32 -15.67 -1.27
CA PRO A 36 16.74 -14.66 -2.26
C PRO A 36 15.52 -14.31 -3.11
N MET A 37 15.15 -13.04 -3.14
CA MET A 37 13.99 -12.64 -3.93
C MET A 37 14.44 -11.76 -5.07
N VAL A 38 14.83 -12.41 -6.16
CA VAL A 38 15.27 -11.73 -7.36
C VAL A 38 14.14 -11.87 -8.36
N LEU A 39 13.67 -10.76 -8.89
CA LEU A 39 12.59 -10.81 -9.86
C LEU A 39 13.11 -11.49 -11.12
N GLY A 40 12.29 -12.35 -11.70
CA GLY A 40 12.72 -13.03 -12.91
C GLY A 40 13.34 -14.40 -12.67
N GLU A 41 13.66 -14.71 -11.42
CA GLU A 41 14.23 -16.01 -11.12
C GLU A 41 13.78 -16.62 -9.80
N ARG A 42 12.89 -17.61 -9.90
CA ARG A 42 12.35 -18.30 -8.74
C ARG A 42 13.48 -18.96 -7.96
N PRO A 43 13.50 -18.77 -6.63
CA PRO A 43 14.52 -19.34 -5.74
C PRO A 43 14.38 -20.85 -5.69
N LYS A 44 15.45 -21.54 -5.31
CA LYS A 44 15.41 -23.00 -5.19
C LYS A 44 14.45 -23.36 -4.07
N GLU A 45 14.43 -22.54 -3.02
CA GLU A 45 13.55 -22.78 -1.88
C GLU A 45 12.08 -22.88 -2.29
N LEU A 46 11.72 -22.25 -3.40
CA LEU A 46 10.34 -22.27 -3.86
C LEU A 46 10.04 -23.27 -4.96
N GLU A 47 10.99 -24.17 -5.21
CA GLU A 47 10.79 -25.19 -6.24
C GLU A 47 9.63 -26.06 -5.78
N GLY A 48 8.66 -26.28 -6.67
CA GLY A 48 7.52 -27.13 -6.35
C GLY A 48 6.39 -26.47 -5.57
N VAL A 49 6.58 -25.21 -5.19
CA VAL A 49 5.58 -24.46 -4.42
C VAL A 49 4.41 -23.98 -5.29
N THR A 50 3.21 -24.37 -4.93
CA THR A 50 2.02 -24.00 -5.70
C THR A 50 1.09 -23.02 -4.96
N VAL A 51 1.34 -22.80 -3.68
CA VAL A 51 0.55 -21.86 -2.89
C VAL A 51 1.37 -21.55 -1.64
N ALA A 52 1.24 -20.34 -1.12
CA ALA A 52 1.98 -19.97 0.06
C ALA A 52 1.15 -19.32 1.15
N LEU A 53 1.50 -19.63 2.40
CA LEU A 53 0.83 -19.05 3.56
C LEU A 53 1.85 -18.07 4.15
N GLU A 54 1.53 -16.79 4.09
CA GLU A 54 2.42 -15.72 4.55
C GLU A 54 2.30 -15.55 6.07
N ARG A 55 3.29 -16.10 6.78
CA ARG A 55 3.30 -16.09 8.25
C ARG A 55 4.41 -15.32 8.96
N CYS A 56 5.03 -14.35 8.31
CA CYS A 56 6.11 -13.60 8.96
C CYS A 56 5.60 -12.68 10.08
N VAL A 57 6.33 -12.62 11.18
CA VAL A 57 5.99 -11.75 12.29
C VAL A 57 6.15 -10.30 11.85
N SER A 58 7.20 -10.02 11.09
CA SER A 58 7.44 -8.67 10.58
C SER A 58 6.50 -8.37 9.42
N GLN A 59 5.73 -7.28 9.52
CA GLN A 59 4.81 -6.88 8.46
C GLN A 59 5.54 -6.46 7.20
N SER A 60 6.63 -5.72 7.38
CA SER A 60 7.40 -5.23 6.24
C SER A 60 7.94 -6.41 5.44
N ARG A 61 8.47 -7.40 6.16
CA ARG A 61 9.01 -8.58 5.52
C ARG A 61 7.90 -9.42 4.86
N GLY A 62 6.79 -9.62 5.58
CA GLY A 62 5.68 -10.41 5.05
C GLY A 62 5.06 -9.82 3.80
N LEU A 63 4.85 -8.51 3.79
CA LEU A 63 4.29 -7.82 2.64
C LEU A 63 5.24 -7.87 1.46
N ALA A 64 6.53 -7.64 1.72
CA ALA A 64 7.52 -7.69 0.65
C ALA A 64 7.54 -9.08 0.04
N ALA A 65 7.49 -10.10 0.88
CA ALA A 65 7.51 -11.48 0.41
C ALA A 65 6.21 -11.81 -0.31
N ALA A 66 5.08 -11.32 0.18
CA ALA A 66 3.81 -11.61 -0.50
C ALA A 66 3.85 -10.99 -1.90
N ARG A 67 4.39 -9.77 -1.99
CA ARG A 67 4.48 -9.11 -3.29
C ARG A 67 5.34 -9.93 -4.25
N TYR A 68 6.45 -10.46 -3.74
CA TYR A 68 7.39 -11.25 -4.54
C TYR A 68 6.69 -12.49 -5.10
N LEU A 69 5.96 -13.19 -4.24
CA LEU A 69 5.21 -14.37 -4.65
C LEU A 69 4.25 -14.03 -5.77
N THR A 70 3.61 -12.87 -5.72
CA THR A 70 2.68 -12.51 -6.79
C THR A 70 3.45 -12.29 -8.10
N ALA A 71 4.70 -11.83 -7.99
CA ALA A 71 5.51 -11.62 -9.18
C ALA A 71 5.88 -12.99 -9.79
N LEU A 72 6.00 -14.00 -8.94
CA LEU A 72 6.34 -15.36 -9.41
C LEU A 72 5.09 -16.11 -9.86
N GLY A 73 3.93 -15.49 -9.69
CA GLY A 73 2.68 -16.12 -10.08
C GLY A 73 2.20 -17.18 -9.10
N ILE A 74 2.75 -17.17 -7.89
CA ILE A 74 2.36 -18.13 -6.86
C ILE A 74 1.30 -17.53 -5.94
N PRO A 75 0.10 -18.15 -5.88
CA PRO A 75 -0.93 -17.58 -5.01
C PRO A 75 -0.44 -17.51 -3.55
N VAL A 76 -0.70 -16.39 -2.88
CA VAL A 76 -0.25 -16.24 -1.50
C VAL A 76 -1.45 -15.88 -0.63
N VAL A 77 -1.61 -16.59 0.47
CA VAL A 77 -2.76 -16.33 1.32
C VAL A 77 -2.55 -15.10 2.12
N ASN A 78 -3.37 -14.17 1.67
CA ASN A 78 -3.44 -12.80 2.08
C ASN A 78 -2.44 -12.23 1.12
N ARG A 79 -3.05 -11.75 0.05
CA ARG A 79 -2.39 -11.11 -1.05
C ARG A 79 -1.83 -9.83 -0.45
N PRO A 80 -0.92 -9.18 -1.20
CA PRO A 80 -0.30 -7.93 -0.77
C PRO A 80 -1.36 -6.89 -0.39
N GLU A 81 -2.37 -6.74 -1.24
CA GLU A 81 -3.41 -5.77 -0.99
C GLU A 81 -4.11 -5.95 0.33
N VAL A 82 -4.33 -7.20 0.74
CA VAL A 82 -5.00 -7.49 1.99
C VAL A 82 -4.10 -7.18 3.18
N ILE A 83 -2.84 -7.54 3.05
CA ILE A 83 -1.86 -7.32 4.10
C ILE A 83 -1.72 -5.82 4.37
N GLU A 84 -1.61 -5.02 3.31
CA GLU A 84 -1.48 -3.58 3.50
C GLU A 84 -2.80 -2.91 3.85
N ALA A 85 -3.91 -3.45 3.35
CA ALA A 85 -5.22 -2.87 3.66
C ALA A 85 -5.50 -3.09 5.16
N CYS A 86 -4.88 -4.13 5.71
CA CYS A 86 -5.06 -4.49 7.12
C CYS A 86 -4.07 -3.83 8.06
N GLY A 87 -2.78 -3.84 7.71
CA GLY A 87 -1.76 -3.26 8.57
C GLY A 87 -1.75 -1.74 8.65
N ASP A 88 -2.59 -1.11 7.83
CA ASP A 88 -2.69 0.34 7.78
C ASP A 88 -4.10 0.72 8.22
N LYS A 89 -4.22 1.28 9.42
CA LYS A 89 -5.52 1.66 9.97
C LYS A 89 -6.36 2.61 9.12
N TRP A 90 -5.71 3.54 8.42
CA TRP A 90 -6.47 4.47 7.58
C TRP A 90 -6.98 3.66 6.40
N ALA A 91 -6.10 2.86 5.82
CA ALA A 91 -6.50 2.03 4.69
C ALA A 91 -7.67 1.13 5.12
N THR A 92 -7.56 0.49 6.28
CA THR A 92 -8.64 -0.37 6.71
C THR A 92 -9.94 0.40 6.97
N SER A 93 -9.87 1.56 7.63
CA SER A 93 -11.09 2.35 7.88
C SER A 93 -11.73 2.82 6.57
N VAL A 94 -10.90 3.17 5.59
CA VAL A 94 -11.40 3.61 4.30
C VAL A 94 -12.11 2.45 3.58
N ALA A 95 -11.53 1.26 3.66
CA ALA A 95 -12.14 0.08 3.03
C ALA A 95 -13.48 -0.25 3.71
N LEU A 96 -13.54 -0.08 5.01
CA LEU A 96 -14.79 -0.34 5.73
C LEU A 96 -15.87 0.66 5.33
N ALA A 97 -15.49 1.92 5.23
CA ALA A 97 -16.44 2.96 4.84
C ALA A 97 -16.98 2.72 3.41
N LYS A 98 -16.10 2.36 2.49
CA LYS A 98 -16.52 2.10 1.11
C LYS A 98 -17.48 0.92 1.06
N ALA A 99 -17.29 -0.04 1.97
CA ALA A 99 -18.17 -1.20 2.01
C ALA A 99 -19.42 -0.89 2.85
N GLY A 100 -19.51 0.36 3.31
CA GLY A 100 -20.66 0.77 4.11
C GLY A 100 -20.81 0.02 5.43
N LEU A 101 -19.71 -0.37 6.04
CA LEU A 101 -19.74 -1.10 7.31
C LEU A 101 -19.61 -0.19 8.52
N PRO A 102 -20.23 -0.58 9.65
CA PRO A 102 -20.17 0.23 10.87
C PRO A 102 -18.82 0.22 11.56
N GLN A 103 -18.40 1.38 12.04
CA GLN A 103 -17.14 1.51 12.77
C GLN A 103 -17.18 2.80 13.57
N PRO A 104 -16.24 2.98 14.51
CA PRO A 104 -16.22 4.21 15.30
C PRO A 104 -16.00 5.41 14.37
N LYS A 105 -16.49 6.57 14.78
CA LYS A 105 -16.30 7.79 13.98
C LYS A 105 -14.77 7.88 13.86
N THR A 106 -14.29 8.00 12.63
CA THR A 106 -12.85 8.01 12.39
C THR A 106 -12.38 9.13 11.49
N ALA A 107 -11.20 9.67 11.76
CA ALA A 107 -10.66 10.75 10.95
C ALA A 107 -9.14 10.69 10.87
N LEU A 108 -8.56 11.38 9.90
CA LEU A 108 -7.12 11.41 9.75
C LEU A 108 -6.61 12.83 9.51
N ALA A 109 -5.60 13.22 10.28
CA ALA A 109 -4.99 14.54 10.13
C ALA A 109 -3.61 14.32 9.57
N THR A 110 -3.09 15.29 8.81
CA THR A 110 -1.77 15.17 8.21
C THR A 110 -0.74 16.14 8.81
N ASP A 111 -1.14 16.86 9.85
CA ASP A 111 -0.23 17.76 10.56
C ASP A 111 -0.74 17.93 11.99
N ARG A 112 0.13 18.37 12.88
CA ARG A 112 -0.21 18.54 14.28
C ARG A 112 -1.44 19.42 14.55
N GLU A 113 -1.50 20.59 13.91
CA GLU A 113 -2.61 21.50 14.13
C GLU A 113 -3.99 20.96 13.78
N GLU A 114 -4.11 20.31 12.61
CA GLU A 114 -5.39 19.76 12.19
C GLU A 114 -5.82 18.64 13.14
N ALA A 115 -4.85 17.91 13.66
CA ALA A 115 -5.14 16.83 14.59
C ALA A 115 -5.86 17.41 15.81
N LEU A 116 -5.37 18.55 16.30
CA LEU A 116 -5.98 19.22 17.46
C LEU A 116 -7.39 19.70 17.14
N ARG A 117 -7.57 20.30 15.98
CA ARG A 117 -8.90 20.78 15.59
C ARG A 117 -9.91 19.63 15.56
N LEU A 118 -9.50 18.51 14.97
CA LEU A 118 -10.37 17.35 14.87
C LEU A 118 -10.74 16.81 16.25
N MET A 119 -9.74 16.56 17.08
CA MET A 119 -9.99 16.03 18.42
C MET A 119 -10.94 16.97 19.17
N GLU A 120 -10.70 18.27 19.02
CA GLU A 120 -11.53 19.26 19.68
C GLU A 120 -12.95 19.15 19.15
N ALA A 121 -13.09 18.97 17.83
CA ALA A 121 -14.40 18.84 17.21
C ALA A 121 -15.07 17.55 17.63
N PHE A 122 -14.29 16.48 17.78
CA PHE A 122 -14.83 15.19 18.19
C PHE A 122 -15.31 15.28 19.63
N GLY A 123 -14.61 16.09 20.42
CA GLY A 123 -14.97 16.25 21.81
C GLY A 123 -14.25 15.17 22.59
N TYR A 124 -13.70 15.53 23.74
CA TYR A 124 -12.98 14.55 24.55
C TYR A 124 -13.94 13.73 25.41
N PRO A 125 -13.53 12.51 25.77
CA PRO A 125 -12.23 11.93 25.40
C PRO A 125 -12.22 11.40 23.96
N VAL A 126 -11.04 11.38 23.35
CA VAL A 126 -10.89 10.84 22.00
C VAL A 126 -9.73 9.86 22.00
N VAL A 127 -9.64 9.06 20.95
CA VAL A 127 -8.58 8.06 20.83
C VAL A 127 -7.61 8.41 19.71
N LEU A 128 -6.33 8.17 19.96
CA LEU A 128 -5.27 8.44 19.00
C LEU A 128 -4.47 7.15 18.89
N LYS A 129 -4.43 6.57 17.69
CA LYS A 129 -3.71 5.33 17.45
C LYS A 129 -2.70 5.51 16.32
N PRO A 130 -1.62 4.72 16.35
CA PRO A 130 -0.61 4.84 15.29
C PRO A 130 -1.24 4.30 14.00
N VAL A 131 -1.00 4.96 12.88
CA VAL A 131 -1.55 4.51 11.61
C VAL A 131 -1.09 3.08 11.31
N ILE A 132 0.18 2.78 11.63
CA ILE A 132 0.73 1.45 11.38
C ILE A 132 1.28 0.85 12.67
N GLY A 133 1.13 -0.46 12.84
CA GLY A 133 1.64 -1.14 14.01
C GLY A 133 1.32 -0.42 15.31
N UNK A 141 -6.03 7.30 25.02
CA UNK A 141 -7.18 8.16 25.24
C UNK A 141 -6.78 9.58 25.60
N UNK A 142 -7.16 10.54 24.77
CA UNK A 142 -6.83 11.95 25.00
C UNK A 142 -7.90 12.55 25.92
N UNK A 143 -7.48 12.97 27.10
CA UNK A 143 -8.38 13.53 28.10
C UNK A 143 -8.83 14.95 27.77
N UNK A 144 -7.87 15.81 27.41
CA UNK A 144 -8.17 17.19 27.09
C UNK A 144 -7.18 17.73 26.08
N UNK A 145 -7.35 19.00 25.68
CA UNK A 145 -6.48 19.63 24.71
C UNK A 145 -5.01 19.52 25.12
N UNK A 146 -4.75 19.68 26.41
CA UNK A 146 -3.38 19.61 26.93
C UNK A 146 -2.79 18.23 26.66
N UNK A 147 -3.57 17.19 26.94
CA UNK A 147 -3.13 15.82 26.72
C UNK A 147 -2.91 15.61 25.22
N UNK A 148 -3.84 16.15 24.43
CA UNK A 148 -3.75 16.02 22.98
C UNK A 148 -2.43 16.63 22.49
N UNK A 149 -2.19 17.88 22.86
CA UNK A 149 -0.96 18.57 22.46
C UNK A 149 0.28 17.76 22.86
N UNK A 150 0.28 17.27 24.09
CA UNK A 150 1.41 16.50 24.59
C UNK A 150 1.63 15.25 23.74
N UNK A 151 0.55 14.51 23.49
CA UNK A 151 0.64 13.29 22.67
C UNK A 151 1.12 13.60 21.27
N UNK A 152 0.50 14.59 20.63
CA UNK A 152 0.87 14.99 19.28
C UNK A 152 2.36 15.35 19.18
N UNK A 153 2.87 16.05 20.18
CA UNK A 153 4.28 16.44 20.19
C UNK A 153 5.17 15.23 20.44
N UNK A 154 4.68 14.27 21.20
CA UNK A 154 5.43 13.07 21.52
C UNK A 154 5.32 12.04 20.39
N GLY A 160 7.26 5.26 5.70
CA GLY A 160 7.27 5.83 4.37
C GLY A 160 6.04 6.70 4.12
N PHE A 161 4.97 6.07 3.67
CA PHE A 161 3.72 6.79 3.41
C PHE A 161 3.01 7.08 4.72
N GLN A 162 3.74 6.98 5.82
CA GLN A 162 3.17 7.21 7.14
C GLN A 162 3.74 8.42 7.87
N HIS A 163 4.42 9.30 7.14
CA HIS A 163 5.02 10.48 7.75
C HIS A 163 3.98 11.52 8.17
N GLN A 164 3.97 11.82 9.46
CA GLN A 164 3.04 12.81 10.03
C GLN A 164 1.56 12.58 9.79
N LEU A 165 1.08 11.39 10.13
CA LEU A 165 -0.35 11.09 9.96
C LEU A 165 -0.90 10.83 11.36
N PHE A 166 -2.07 11.36 11.65
CA PHE A 166 -2.67 11.17 12.97
C PHE A 166 -4.04 10.57 12.81
N TYR A 167 -4.16 9.33 13.26
CA TYR A 167 -5.41 8.56 13.17
C TYR A 167 -6.24 8.83 14.42
N ILE A 168 -7.37 9.50 14.23
CA ILE A 168 -8.25 9.87 15.34
C ILE A 168 -9.60 9.15 15.33
N GLN A 169 -10.00 8.65 16.49
CA GLN A 169 -11.29 7.97 16.60
C GLN A 169 -12.03 8.44 17.85
N GLU A 170 -13.36 8.41 17.80
CA GLU A 170 -14.17 8.80 18.93
C GLU A 170 -13.99 7.74 20.02
N TYR A 171 -14.17 8.15 21.28
CA TYR A 171 -14.06 7.18 22.37
C TYR A 171 -15.41 6.48 22.42
N VAL A 172 -15.38 5.16 22.45
CA VAL A 172 -16.62 4.39 22.45
C VAL A 172 -16.97 3.74 23.79
N GLU A 173 -18.24 3.85 24.18
CA GLU A 173 -18.73 3.23 25.41
C GLU A 173 -19.06 1.78 25.06
N LYS A 174 -18.54 0.84 25.84
CA LYS A 174 -18.76 -0.57 25.55
C LYS A 174 -19.65 -1.33 26.54
N PRO A 175 -20.96 -1.45 26.23
CA PRO A 175 -21.89 -2.16 27.10
C PRO A 175 -21.53 -3.66 27.11
N GLY A 176 -20.80 -4.08 26.09
CA GLY A 176 -20.39 -5.47 25.98
C GLY A 176 -18.89 -5.61 25.76
N ARG A 177 -18.38 -6.82 25.91
CA ARG A 177 -16.95 -7.08 25.73
C ARG A 177 -16.57 -7.06 24.26
N ASP A 178 -15.29 -6.80 23.99
CA ASP A 178 -14.79 -6.80 22.62
C ASP A 178 -14.77 -8.23 22.12
N ILE A 179 -15.02 -8.39 20.82
CA ILE A 179 -15.05 -9.71 20.22
C ILE A 179 -14.02 -9.81 19.10
N ARG A 180 -13.30 -10.92 19.06
CA ARG A 180 -12.32 -11.16 18.01
C ARG A 180 -12.87 -12.36 17.25
N VAL A 181 -13.17 -12.16 15.98
CA VAL A 181 -13.71 -13.22 15.14
C VAL A 181 -12.69 -13.70 14.11
N PHE A 182 -12.45 -15.00 14.07
CA PHE A 182 -11.51 -15.57 13.12
C PHE A 182 -12.25 -15.92 11.83
N VAL A 183 -11.89 -15.23 10.76
CA VAL A 183 -12.52 -15.43 9.47
C VAL A 183 -11.56 -16.13 8.50
N VAL A 184 -12.09 -17.16 7.83
CA VAL A 184 -11.34 -17.94 6.86
C VAL A 184 -12.21 -17.95 5.62
N GLY A 185 -11.80 -17.17 4.62
CA GLY A 185 -12.58 -17.11 3.41
C GLY A 185 -13.94 -16.48 3.69
N GLU A 186 -15.00 -17.14 3.26
CA GLU A 186 -16.34 -16.63 3.46
C GLU A 186 -16.98 -17.15 4.74
N ARG A 187 -16.16 -17.69 5.64
CA ARG A 187 -16.69 -18.21 6.89
C ARG A 187 -16.05 -17.69 8.16
N ALA A 188 -16.90 -17.36 9.13
CA ALA A 188 -16.42 -16.94 10.44
C ALA A 188 -16.40 -18.30 11.12
N ILE A 189 -15.22 -18.77 11.51
CA ILE A 189 -15.11 -20.10 12.11
C ILE A 189 -15.04 -20.17 13.63
N ALA A 190 -14.72 -19.07 14.27
CA ALA A 190 -14.61 -19.04 15.72
C ALA A 190 -14.56 -17.60 16.20
N ALA A 191 -14.86 -17.41 17.48
CA ALA A 191 -14.84 -16.08 18.08
C ALA A 191 -14.56 -16.16 19.56
N ILE A 192 -13.97 -15.10 20.11
CA ILE A 192 -13.67 -15.07 21.52
C ILE A 192 -13.93 -13.68 22.11
N TYR A 193 -14.23 -13.65 23.40
CA TYR A 193 -14.47 -12.39 24.11
C TYR A 193 -13.12 -11.95 24.65
N ARG A 194 -13.01 -10.70 25.05
CA ARG A 194 -11.76 -10.17 25.58
C ARG A 194 -12.04 -9.18 26.70
N ALA A 209 -9.55 -14.72 28.52
CA ALA A 209 -10.32 -14.79 27.27
C ALA A 209 -11.34 -15.91 27.34
N GLU A 210 -12.51 -15.68 26.74
CA GLU A 210 -13.57 -16.66 26.74
C GLU A 210 -14.17 -16.88 25.36
N ASN A 211 -14.71 -18.08 25.15
CA ASN A 211 -15.32 -18.43 23.88
C ASN A 211 -16.57 -17.61 23.64
N CYS A 212 -16.72 -17.09 22.42
CA CYS A 212 -17.89 -16.31 22.07
C CYS A 212 -18.69 -17.05 21.01
N PRO A 213 -19.72 -17.79 21.44
CA PRO A 213 -20.54 -18.54 20.47
C PRO A 213 -20.99 -17.61 19.35
N LEU A 214 -20.53 -17.87 18.15
CA LEU A 214 -20.87 -17.05 17.00
C LEU A 214 -22.36 -16.96 16.68
N THR A 215 -22.84 -15.74 16.50
CA THR A 215 -24.24 -15.51 16.16
C THR A 215 -24.29 -15.04 14.71
N GLU A 216 -25.49 -15.09 14.12
CA GLU A 216 -25.66 -14.67 12.74
C GLU A 216 -25.14 -13.25 12.52
N GLU A 217 -25.54 -12.34 13.41
CA GLU A 217 -25.12 -10.94 13.32
C GLU A 217 -23.61 -10.78 13.29
N VAL A 218 -22.94 -11.31 14.30
CA VAL A 218 -21.50 -11.22 14.41
C VAL A 218 -20.78 -11.87 13.24
N ALA A 219 -21.23 -13.06 12.85
CA ALA A 219 -20.61 -13.79 11.74
C ALA A 219 -20.71 -13.05 10.42
N ARG A 220 -21.90 -12.53 10.11
CA ARG A 220 -22.10 -11.81 8.87
C ARG A 220 -21.26 -10.53 8.77
N LEU A 221 -21.22 -9.77 9.86
CA LEU A 221 -20.45 -8.53 9.86
C LEU A 221 -18.98 -8.84 9.67
N SER A 222 -18.50 -9.84 10.39
CA SER A 222 -17.10 -10.23 10.33
C SER A 222 -16.66 -10.64 8.95
N VAL A 223 -17.50 -11.40 8.25
CA VAL A 223 -17.17 -11.83 6.90
C VAL A 223 -17.22 -10.63 5.96
N LYS A 224 -18.15 -9.71 6.17
CA LYS A 224 -18.22 -8.54 5.31
C LYS A 224 -16.99 -7.64 5.54
N ALA A 225 -16.52 -7.60 6.77
CA ALA A 225 -15.33 -6.79 7.07
C ALA A 225 -14.12 -7.43 6.38
N ALA A 226 -14.05 -8.76 6.42
CA ALA A 226 -12.96 -9.50 5.77
C ALA A 226 -12.99 -9.22 4.26
N GLU A 227 -14.19 -9.24 3.69
CA GLU A 227 -14.36 -8.98 2.27
C GLU A 227 -13.96 -7.55 1.91
N ALA A 228 -14.34 -6.60 2.77
CA ALA A 228 -14.02 -5.19 2.55
C ALA A 228 -12.52 -4.92 2.36
N VAL A 229 -11.66 -5.64 3.09
CA VAL A 229 -10.23 -5.41 2.93
C VAL A 229 -9.60 -6.29 1.84
N GLY A 230 -10.43 -7.07 1.13
CA GLY A 230 -9.89 -7.90 0.06
C GLY A 230 -10.05 -9.40 0.19
N GLY A 231 -10.54 -9.87 1.35
CA GLY A 231 -10.75 -11.29 1.54
C GLY A 231 -9.53 -12.06 2.00
N GLY A 232 -9.75 -13.31 2.40
CA GLY A 232 -8.65 -14.14 2.85
C GLY A 232 -8.81 -14.64 4.26
N VAL A 233 -7.71 -14.67 5.00
CA VAL A 233 -7.72 -15.15 6.37
C VAL A 233 -7.37 -14.02 7.31
N VAL A 234 -8.36 -13.55 8.06
CA VAL A 234 -8.13 -12.42 8.96
C VAL A 234 -8.91 -12.54 10.27
N ALA A 235 -8.46 -11.79 11.29
CA ALA A 235 -9.15 -11.75 12.58
C ALA A 235 -9.81 -10.38 12.65
N VAL A 236 -11.13 -10.36 12.78
CA VAL A 236 -11.88 -9.11 12.85
C VAL A 236 -12.19 -8.78 14.31
N ASP A 237 -11.73 -7.62 14.76
CA ASP A 237 -11.98 -7.20 16.14
C ASP A 237 -13.17 -6.25 16.15
N LEU A 238 -14.18 -6.60 16.95
CA LEU A 238 -15.41 -5.81 17.03
C LEU A 238 -15.68 -5.25 18.41
N PHE A 239 -16.41 -4.13 18.44
CA PHE A 239 -16.81 -3.47 19.68
C PHE A 239 -18.31 -3.69 19.83
N GLU A 240 -18.75 -4.07 21.02
CA GLU A 240 -20.18 -4.22 21.27
C GLU A 240 -20.54 -2.89 21.94
N SER A 241 -20.77 -1.87 21.13
CA SER A 241 -21.07 -0.53 21.64
C SER A 241 -22.54 -0.20 21.80
N GLU A 242 -22.80 1.00 22.31
CA GLU A 242 -24.16 1.48 22.52
C GLU A 242 -24.89 1.61 21.20
N ARG A 243 -24.13 1.82 20.12
CA ARG A 243 -24.71 1.96 18.80
C ARG A 243 -24.78 0.61 18.10
N GLY A 244 -24.34 -0.43 18.80
CA GLY A 244 -24.36 -1.76 18.22
C GLY A 244 -22.97 -2.28 17.90
N LEU A 245 -22.89 -3.23 16.98
CA LEU A 245 -21.60 -3.80 16.62
C LEU A 245 -20.81 -2.83 15.74
N LEU A 246 -19.54 -2.63 16.07
CA LEU A 246 -18.68 -1.74 15.31
C LEU A 246 -17.37 -2.47 14.99
N VAL A 247 -16.90 -2.34 13.76
CA VAL A 247 -15.64 -2.97 13.38
C VAL A 247 -14.50 -2.06 13.83
N ASN A 248 -13.64 -2.58 14.68
CA ASN A 248 -12.52 -1.80 15.19
C ASN A 248 -11.28 -1.97 14.31
N GLU A 249 -10.85 -3.21 14.10
CA GLU A 249 -9.69 -3.49 13.26
C GLU A 249 -9.78 -4.85 12.58
N VAL A 250 -8.93 -5.05 11.58
CA VAL A 250 -8.86 -6.32 10.83
C VAL A 250 -7.37 -6.72 10.74
N ASN A 251 -7.03 -7.91 11.22
CA ASN A 251 -5.63 -8.37 11.20
C ASN A 251 -5.34 -9.38 10.09
N HIS A 252 -4.30 -9.11 9.29
CA HIS A 252 -3.92 -9.97 8.16
C HIS A 252 -3.11 -11.22 8.47
N THR A 253 -2.54 -11.32 9.67
CA THR A 253 -1.79 -12.51 10.03
C THR A 253 -2.20 -12.90 11.46
N MET A 254 -3.48 -13.22 11.61
CA MET A 254 -4.08 -13.57 12.89
C MET A 254 -3.36 -14.57 13.77
N GLU A 255 -3.32 -14.23 15.06
CA GLU A 255 -2.68 -15.05 16.08
C GLU A 255 -3.82 -15.88 16.68
N PHE A 256 -3.55 -17.15 16.98
CA PHE A 256 -4.59 -18.03 17.48
C PHE A 256 -4.12 -19.10 18.45
N LYS A 257 -2.91 -18.98 18.95
CA LYS A 257 -2.40 -20.02 19.85
C LYS A 257 -3.31 -20.36 21.05
N ASN A 258 -3.86 -19.34 21.70
CA ASN A 258 -4.74 -19.56 22.86
C ASN A 258 -6.19 -19.83 22.47
N SER A 259 -6.62 -19.28 21.34
CA SER A 259 -7.99 -19.42 20.88
C SER A 259 -8.41 -20.82 20.47
N VAL A 260 -7.46 -21.65 20.09
CA VAL A 260 -7.78 -23.02 19.69
C VAL A 260 -8.42 -23.71 20.91
N HIS A 261 -7.73 -23.65 22.04
CA HIS A 261 -8.25 -24.27 23.25
C HIS A 261 -9.52 -23.55 23.74
N THR A 262 -9.52 -22.23 23.67
CA THR A 262 -10.67 -21.45 24.11
C THR A 262 -11.94 -21.72 23.31
N THR A 263 -11.82 -21.72 21.99
CA THR A 263 -12.96 -21.93 21.10
C THR A 263 -13.26 -23.38 20.82
N GLY A 264 -12.24 -24.23 20.91
CA GLY A 264 -12.43 -25.64 20.60
C GLY A 264 -12.45 -25.87 19.10
N VAL A 265 -12.09 -24.84 18.33
CA VAL A 265 -12.05 -24.92 16.87
C VAL A 265 -10.62 -25.07 16.35
N ASP A 266 -10.45 -25.89 15.31
CA ASP A 266 -9.15 -26.15 14.70
C ASP A 266 -8.81 -25.03 13.71
N ILE A 267 -8.52 -23.85 14.26
CA ILE A 267 -8.19 -22.69 13.45
C ILE A 267 -7.02 -22.94 12.49
N PRO A 268 -5.91 -23.51 12.98
CA PRO A 268 -4.75 -23.79 12.12
C PRO A 268 -5.14 -24.66 10.92
N GLY A 269 -5.86 -25.74 11.20
CA GLY A 269 -6.30 -26.64 10.16
C GLY A 269 -7.18 -25.96 9.13
N GLU A 270 -8.10 -25.11 9.59
CA GLU A 270 -8.98 -24.38 8.68
C GLU A 270 -8.18 -23.46 7.76
N ILE A 271 -7.19 -22.78 8.34
CA ILE A 271 -6.37 -21.87 7.57
C ILE A 271 -5.63 -22.63 6.46
N LEU A 272 -4.98 -23.73 6.83
CA LEU A 272 -4.23 -24.54 5.88
C LEU A 272 -5.09 -25.09 4.74
N LYS A 273 -6.29 -25.58 5.05
CA LYS A 273 -7.19 -26.10 4.03
C LYS A 273 -7.65 -25.01 3.09
N TYR A 274 -7.87 -23.81 3.62
CA TYR A 274 -8.28 -22.70 2.77
C TYR A 274 -7.14 -22.39 1.78
N ALA A 275 -5.92 -22.27 2.30
CA ALA A 275 -4.76 -21.97 1.46
C ALA A 275 -4.60 -23.02 0.38
N TRP A 276 -4.58 -24.28 0.81
CA TRP A 276 -4.42 -25.40 -0.10
C TRP A 276 -5.46 -25.39 -1.23
N SER A 277 -6.67 -24.91 -0.94
CA SER A 277 -7.72 -24.87 -1.94
C SER A 277 -7.46 -23.83 -3.04
N LEU A 278 -6.62 -22.83 -2.74
CA LEU A 278 -6.29 -21.81 -3.72
C LEU A 278 -5.08 -22.23 -4.55
N ALA A 279 -4.50 -23.38 -4.20
CA ALA A 279 -3.33 -23.90 -4.90
C ALA A 279 -3.52 -23.90 -6.41
N SER A 280 -2.43 -23.61 -7.12
CA SER A 280 -2.45 -23.59 -8.58
C SER A 280 -1.06 -23.97 -9.08
N MET B 1 -17.06 20.28 -9.84
CA MET B 1 -15.82 20.97 -10.31
C MET B 1 -14.57 20.22 -9.88
N LEU B 2 -13.45 20.58 -10.48
CA LEU B 2 -12.19 19.94 -10.16
C LEU B 2 -11.60 20.50 -8.87
N ALA B 3 -11.04 19.61 -8.05
CA ALA B 3 -10.39 20.06 -6.83
C ALA B 3 -8.90 19.75 -6.99
N ILE B 4 -8.06 20.76 -6.85
CA ILE B 4 -6.62 20.51 -6.94
C ILE B 4 -6.09 20.46 -5.52
N LEU B 5 -5.78 19.26 -5.04
CA LEU B 5 -5.28 19.05 -3.69
C LEU B 5 -3.78 19.36 -3.64
N TYR B 6 -3.38 20.16 -2.66
CA TYR B 6 -1.97 20.52 -2.54
C TYR B 6 -1.59 20.83 -1.09
N ASP B 7 -0.30 20.96 -0.86
CA ASP B 7 0.21 21.32 0.46
C ASP B 7 1.20 22.47 0.26
N ARG B 8 2.19 22.29 -0.60
CA ARG B 8 3.16 23.34 -0.89
C ARG B 8 3.06 23.67 -2.37
N ILE B 9 2.81 24.94 -2.67
CA ILE B 9 2.68 25.38 -4.06
C ILE B 9 4.02 25.53 -4.78
N ARG B 10 4.27 24.65 -5.75
CA ARG B 10 5.48 24.69 -6.56
C ARG B 10 5.07 25.27 -7.90
N PRO B 11 6.03 25.57 -8.78
CA PRO B 11 5.71 26.12 -10.09
C PRO B 11 4.78 25.20 -10.87
N ASP B 12 4.90 23.90 -10.62
CA ASP B 12 4.06 22.91 -11.28
C ASP B 12 2.59 23.16 -10.94
N GLU B 13 2.32 23.37 -9.65
CA GLU B 13 0.96 23.64 -9.20
C GLU B 13 0.45 24.97 -9.74
N ARG B 14 1.32 25.99 -9.72
CA ARG B 14 0.92 27.30 -10.24
C ARG B 14 0.54 27.21 -11.70
N MET B 15 1.29 26.42 -12.47
CA MET B 15 1.01 26.25 -13.88
C MET B 15 -0.35 25.55 -14.02
N LEU B 16 -0.64 24.62 -13.12
CA LEU B 16 -1.93 23.93 -13.16
C LEU B 16 -3.05 24.94 -12.91
N PHE B 17 -2.89 25.77 -11.88
CA PHE B 17 -3.88 26.79 -11.57
C PHE B 17 -4.13 27.69 -12.78
N GLU B 18 -3.04 28.19 -13.37
CA GLU B 18 -3.13 29.07 -14.52
C GLU B 18 -3.76 28.44 -15.76
N ARG B 19 -3.41 27.19 -16.05
CA ARG B 19 -3.98 26.53 -17.20
C ARG B 19 -5.48 26.28 -17.00
N ALA B 20 -5.86 25.89 -15.79
CA ALA B 20 -7.26 25.62 -15.50
C ALA B 20 -8.06 26.91 -15.74
N GLU B 21 -7.51 28.02 -15.25
CA GLU B 21 -8.16 29.32 -15.42
C GLU B 21 -8.29 29.67 -16.89
N ALA B 22 -7.22 29.41 -17.65
CA ALA B 22 -7.20 29.72 -19.08
C ALA B 22 -8.10 28.80 -19.88
N LEU B 23 -8.29 27.57 -19.40
CA LEU B 23 -9.13 26.59 -20.09
C LEU B 23 -10.59 26.74 -19.75
N GLY B 24 -10.90 27.49 -18.69
CA GLY B 24 -12.29 27.64 -18.29
C GLY B 24 -12.77 26.34 -17.65
N LEU B 25 -11.86 25.69 -16.94
CA LEU B 25 -12.18 24.44 -16.26
C LEU B 25 -12.54 24.80 -14.83
N PRO B 26 -13.81 24.61 -14.45
CA PRO B 26 -14.23 24.94 -13.08
C PRO B 26 -13.43 24.17 -12.05
N TYR B 27 -12.75 24.88 -11.16
CA TYR B 27 -11.95 24.22 -10.14
C TYR B 27 -11.79 25.06 -8.89
N LYS B 28 -11.17 24.47 -7.87
CA LYS B 28 -10.90 25.15 -6.62
C LYS B 28 -9.64 24.56 -5.99
N LYS B 29 -8.90 25.39 -5.29
CA LYS B 29 -7.67 24.96 -4.64
C LYS B 29 -8.03 24.43 -3.26
N VAL B 30 -7.51 23.25 -2.92
CA VAL B 30 -7.79 22.65 -1.62
C VAL B 30 -6.49 22.37 -0.86
N TYR B 31 -6.27 23.13 0.20
CA TYR B 31 -5.07 23.01 1.04
C TYR B 31 -5.26 21.80 1.96
N VAL B 32 -4.66 20.67 1.58
CA VAL B 32 -4.82 19.44 2.34
C VAL B 32 -4.45 19.45 3.82
N PRO B 33 -3.34 20.09 4.20
CA PRO B 33 -2.97 20.11 5.63
C PRO B 33 -4.07 20.56 6.57
N ALA B 34 -4.96 21.43 6.08
CA ALA B 34 -6.06 21.94 6.91
C ALA B 34 -7.40 21.31 6.57
N LEU B 35 -7.40 20.30 5.70
CA LEU B 35 -8.65 19.65 5.32
C LEU B 35 -9.11 18.63 6.36
N PRO B 36 -10.32 18.81 6.90
CA PRO B 36 -10.75 17.81 7.89
C PRO B 36 -11.18 16.57 7.12
N MET B 37 -10.57 15.44 7.42
CA MET B 37 -10.93 14.21 6.72
C MET B 37 -11.57 13.24 7.68
N VAL B 38 -12.87 13.43 7.90
CA VAL B 38 -13.64 12.57 8.79
C VAL B 38 -14.48 11.65 7.91
N LEU B 39 -14.32 10.35 8.07
CA LEU B 39 -15.09 9.39 7.27
C LEU B 39 -16.57 9.56 7.59
N GLY B 40 -17.39 9.53 6.56
CA GLY B 40 -18.81 9.69 6.78
C GLY B 40 -19.32 11.13 6.65
N GLU B 41 -18.41 12.09 6.56
CA GLU B 41 -18.84 13.48 6.42
C GLU B 41 -17.93 14.33 5.55
N ARG B 42 -18.41 14.60 4.34
CA ARG B 42 -17.68 15.38 3.36
C ARG B 42 -17.46 16.79 3.92
N PRO B 43 -16.21 17.27 3.85
CA PRO B 43 -15.79 18.61 4.32
C PRO B 43 -16.43 19.69 3.48
N LYS B 44 -16.59 20.88 4.04
CA LYS B 44 -17.17 21.98 3.28
C LYS B 44 -16.23 22.34 2.12
N GLU B 45 -14.94 22.15 2.32
CA GLU B 45 -13.95 22.45 1.28
C GLU B 45 -14.21 21.65 0.01
N LEU B 46 -14.82 20.48 0.15
CA LEU B 46 -15.09 19.64 -1.01
C LEU B 46 -16.49 19.78 -1.57
N GLU B 47 -17.24 20.77 -1.09
CA GLU B 47 -18.60 20.96 -1.61
C GLU B 47 -18.50 21.29 -3.09
N GLY B 48 -19.25 20.56 -3.91
CA GLY B 48 -19.24 20.80 -5.34
C GLY B 48 -18.13 20.14 -6.12
N VAL B 49 -17.25 19.43 -5.42
CA VAL B 49 -16.13 18.75 -6.07
C VAL B 49 -16.55 17.42 -6.70
N THR B 50 -16.29 17.27 -8.00
CA THR B 50 -16.66 16.06 -8.75
C THR B 50 -15.47 15.22 -9.20
N VAL B 51 -14.26 15.78 -9.05
CA VAL B 51 -13.04 15.06 -9.41
C VAL B 51 -11.89 15.83 -8.76
N ALA B 52 -10.84 15.11 -8.40
CA ALA B 52 -9.70 15.73 -7.75
C ALA B 52 -8.36 15.34 -8.35
N LEU B 53 -7.45 16.31 -8.37
CA LEU B 53 -6.09 16.09 -8.85
C LEU B 53 -5.23 16.16 -7.60
N GLU B 54 -4.58 15.04 -7.29
CA GLU B 54 -3.77 14.90 -6.09
C GLU B 54 -2.34 15.41 -6.33
N ARG B 55 -2.10 16.64 -5.86
CA ARG B 55 -0.83 17.31 -6.07
C ARG B 55 0.07 17.61 -4.85
N CYS B 56 -0.10 16.87 -3.76
CA CYS B 56 0.71 17.13 -2.58
C CYS B 56 2.16 16.72 -2.75
N VAL B 57 3.07 17.54 -2.24
CA VAL B 57 4.48 17.25 -2.32
C VAL B 57 4.76 16.05 -1.41
N SER B 58 4.12 16.02 -0.24
CA SER B 58 4.30 14.89 0.67
C SER B 58 3.53 13.67 0.18
N GLN B 59 4.23 12.54 0.06
CA GLN B 59 3.62 11.29 -0.41
C GLN B 59 2.64 10.75 0.61
N SER B 60 3.04 10.79 1.87
CA SER B 60 2.19 10.28 2.93
C SER B 60 0.87 11.04 2.94
N ARG B 61 0.95 12.37 2.83
CA ARG B 61 -0.23 13.22 2.85
C ARG B 61 -1.09 12.99 1.59
N GLY B 62 -0.43 12.93 0.43
CA GLY B 62 -1.13 12.73 -0.82
C GLY B 62 -1.91 11.42 -0.88
N LEU B 63 -1.26 10.34 -0.45
CA LEU B 63 -1.87 9.02 -0.44
C LEU B 63 -3.06 8.99 0.55
N ALA B 64 -2.85 9.55 1.73
CA ALA B 64 -3.92 9.58 2.73
C ALA B 64 -5.11 10.36 2.21
N ALA B 65 -4.86 11.46 1.50
CA ALA B 65 -5.94 12.26 0.95
C ALA B 65 -6.60 11.53 -0.22
N ALA B 66 -5.80 10.87 -1.06
CA ALA B 66 -6.39 10.14 -2.19
C ALA B 66 -7.30 9.03 -1.63
N ARG B 67 -6.86 8.36 -0.57
CA ARG B 67 -7.67 7.30 0.03
C ARG B 67 -9.00 7.89 0.55
N TYR B 68 -8.91 9.04 1.20
CA TYR B 68 -10.10 9.73 1.71
C TYR B 68 -11.09 10.04 0.59
N LEU B 69 -10.60 10.61 -0.50
CA LEU B 69 -11.48 10.95 -1.63
C LEU B 69 -12.20 9.69 -2.16
N THR B 70 -11.53 8.54 -2.14
CA THR B 70 -12.20 7.33 -2.62
C THR B 70 -13.31 6.95 -1.65
N ALA B 71 -13.12 7.21 -0.36
CA ALA B 71 -14.16 6.91 0.62
C ALA B 71 -15.36 7.82 0.40
N LEU B 72 -15.13 9.03 -0.12
CA LEU B 72 -16.22 9.96 -0.39
C LEU B 72 -16.83 9.71 -1.75
N GLY B 73 -16.26 8.77 -2.51
CA GLY B 73 -16.78 8.48 -3.83
C GLY B 73 -16.38 9.50 -4.89
N ILE B 74 -15.36 10.30 -4.60
CA ILE B 74 -14.90 11.31 -5.54
C ILE B 74 -13.70 10.78 -6.32
N PRO B 75 -13.81 10.71 -7.65
CA PRO B 75 -12.66 10.19 -8.40
C PRO B 75 -11.41 11.05 -8.17
N VAL B 76 -10.27 10.42 -7.94
CA VAL B 76 -9.02 11.15 -7.70
C VAL B 76 -7.95 10.73 -8.72
N VAL B 77 -7.32 11.69 -9.36
CA VAL B 77 -6.33 11.32 -10.35
C VAL B 77 -5.07 10.87 -9.71
N ASN B 78 -4.92 9.58 -9.94
CA ASN B 78 -3.90 8.72 -9.42
C ASN B 78 -4.60 8.33 -8.15
N ARG B 79 -5.20 7.16 -8.29
CA ARG B 79 -5.94 6.52 -7.24
C ARG B 79 -4.88 6.12 -6.24
N PRO B 80 -5.31 5.71 -5.04
CA PRO B 80 -4.40 5.30 -3.99
C PRO B 80 -3.44 4.20 -4.45
N GLU B 81 -3.99 3.21 -5.14
CA GLU B 81 -3.19 2.09 -5.61
C GLU B 81 -2.04 2.51 -6.53
N VAL B 82 -2.29 3.50 -7.38
CA VAL B 82 -1.26 3.99 -8.29
C VAL B 82 -0.19 4.74 -7.52
N ILE B 83 -0.61 5.58 -6.59
CA ILE B 83 0.32 6.36 -5.77
C ILE B 83 1.27 5.43 -4.99
N GLU B 84 0.71 4.43 -4.32
CA GLU B 84 1.55 3.52 -3.57
C GLU B 84 2.32 2.54 -4.46
N ALA B 85 1.75 2.17 -5.59
CA ALA B 85 2.45 1.27 -6.51
C ALA B 85 3.66 2.00 -7.08
N CYS B 86 3.57 3.32 -7.13
CA CYS B 86 4.65 4.16 -7.65
C CYS B 86 5.68 4.61 -6.63
N GLY B 87 5.24 5.04 -5.46
CA GLY B 87 6.16 5.52 -4.44
C GLY B 87 6.93 4.45 -3.69
N ASP B 88 6.66 3.20 -4.02
CA ASP B 88 7.33 2.06 -3.38
C ASP B 88 8.04 1.33 -4.51
N LYS B 89 9.38 1.39 -4.52
CA LYS B 89 10.17 0.77 -5.58
C LYS B 89 9.96 -0.74 -5.74
N TRP B 90 9.78 -1.45 -4.63
CA TRP B 90 9.56 -2.88 -4.71
C TRP B 90 8.19 -3.07 -5.35
N ALA B 91 7.20 -2.33 -4.86
CA ALA B 91 5.86 -2.44 -5.42
C ALA B 91 5.90 -2.13 -6.92
N THR B 92 6.63 -1.09 -7.31
CA THR B 92 6.68 -0.77 -8.72
C THR B 92 7.41 -1.86 -9.54
N SER B 93 8.53 -2.35 -9.05
CA SER B 93 9.27 -3.40 -9.76
C SER B 93 8.42 -4.67 -9.89
N VAL B 94 7.68 -4.99 -8.83
CA VAL B 94 6.81 -6.18 -8.85
C VAL B 94 5.72 -5.99 -9.91
N ALA B 95 5.14 -4.79 -9.98
CA ALA B 95 4.11 -4.48 -10.96
C ALA B 95 4.65 -4.58 -12.39
N LEU B 96 5.91 -4.17 -12.60
CA LEU B 96 6.49 -4.24 -13.93
C LEU B 96 6.77 -5.71 -14.31
N ALA B 97 7.23 -6.51 -13.35
CA ALA B 97 7.51 -7.91 -13.63
C ALA B 97 6.23 -8.64 -14.01
N LYS B 98 5.14 -8.38 -13.28
CA LYS B 98 3.87 -9.04 -13.57
C LYS B 98 3.35 -8.65 -14.95
N ALA B 99 3.68 -7.44 -15.39
CA ALA B 99 3.26 -6.98 -16.71
C ALA B 99 4.28 -7.40 -17.76
N GLY B 100 5.29 -8.17 -17.33
CA GLY B 100 6.31 -8.65 -18.24
C GLY B 100 7.11 -7.54 -18.94
N LEU B 101 7.36 -6.44 -18.23
CA LEU B 101 8.09 -5.32 -18.81
C LEU B 101 9.57 -5.36 -18.46
N PRO B 102 10.44 -4.85 -19.37
CA PRO B 102 11.88 -4.85 -19.12
C PRO B 102 12.33 -3.85 -18.06
N GLN B 103 13.23 -4.29 -17.20
CA GLN B 103 13.79 -3.44 -16.15
C GLN B 103 15.13 -4.02 -15.71
N PRO B 104 15.93 -3.25 -14.96
CA PRO B 104 17.21 -3.77 -14.49
C PRO B 104 16.96 -4.98 -13.60
N LYS B 105 17.92 -5.90 -13.54
CA LYS B 105 17.78 -7.08 -12.68
C LYS B 105 17.55 -6.48 -11.28
N THR B 106 16.47 -6.89 -10.62
CA THR B 106 16.12 -6.32 -9.32
C THR B 106 15.84 -7.38 -8.27
N ALA B 107 16.19 -7.08 -7.01
CA ALA B 107 15.95 -8.00 -5.90
C ALA B 107 15.68 -7.25 -4.61
N LEU B 108 15.13 -7.94 -3.63
CA LEU B 108 14.85 -7.31 -2.34
C LEU B 108 15.27 -8.20 -1.19
N ALA B 109 16.04 -7.65 -0.25
CA ALA B 109 16.48 -8.39 0.91
C ALA B 109 15.72 -7.83 2.10
N THR B 110 15.50 -8.66 3.13
CA THR B 110 14.76 -8.21 4.31
C THR B 110 15.62 -8.15 5.57
N ASP B 111 16.92 -8.39 5.41
CA ASP B 111 17.87 -8.28 6.51
C ASP B 111 19.24 -7.98 5.93
N ARG B 112 20.14 -7.47 6.76
CA ARG B 112 21.47 -7.10 6.32
C ARG B 112 22.27 -8.21 5.64
N GLU B 113 22.27 -9.41 6.22
CA GLU B 113 23.03 -10.52 5.65
C GLU B 113 22.61 -10.93 4.25
N GLU B 114 21.31 -11.07 4.02
CA GLU B 114 20.81 -11.47 2.70
C GLU B 114 21.15 -10.40 1.66
N ALA B 115 21.14 -9.15 2.08
CA ALA B 115 21.47 -8.05 1.18
C ALA B 115 22.88 -8.27 0.64
N LEU B 116 23.80 -8.64 1.53
CA LEU B 116 25.19 -8.88 1.15
C LEU B 116 25.30 -10.05 0.19
N ARG B 117 24.59 -11.15 0.48
CA ARG B 117 24.64 -12.33 -0.38
C ARG B 117 24.19 -11.97 -1.77
N LEU B 118 23.07 -11.24 -1.86
CA LEU B 118 22.52 -10.84 -3.15
C LEU B 118 23.48 -9.95 -3.93
N MET B 119 24.00 -8.92 -3.28
CA MET B 119 24.93 -8.02 -3.95
C MET B 119 26.14 -8.81 -4.46
N GLU B 120 26.61 -9.74 -3.62
CA GLU B 120 27.75 -10.57 -3.99
C GLU B 120 27.38 -11.42 -5.21
N ALA B 121 26.16 -11.97 -5.21
CA ALA B 121 25.70 -12.80 -6.31
C ALA B 121 25.51 -11.98 -7.58
N PHE B 122 25.06 -10.74 -7.41
CA PHE B 122 24.85 -9.84 -8.55
C PHE B 122 26.20 -9.45 -9.14
N GLY B 123 27.21 -9.39 -8.29
CA GLY B 123 28.53 -9.01 -8.74
C GLY B 123 28.59 -7.49 -8.75
N TYR B 124 29.70 -6.94 -8.27
CA TYR B 124 29.86 -5.50 -8.22
C TYR B 124 30.31 -4.95 -9.56
N PRO B 125 30.01 -3.68 -9.84
CA PRO B 125 29.27 -2.79 -8.93
C PRO B 125 27.76 -3.03 -8.98
N VAL B 126 27.09 -2.79 -7.86
CA VAL B 126 25.64 -2.94 -7.77
C VAL B 126 25.04 -1.66 -7.24
N VAL B 127 23.72 -1.53 -7.35
CA VAL B 127 23.02 -0.34 -6.88
C VAL B 127 22.11 -0.65 -5.69
N LEU B 128 22.07 0.26 -4.74
CA LEU B 128 21.24 0.11 -3.55
C LEU B 128 20.42 1.40 -3.43
N LYS B 129 19.10 1.27 -3.50
CA LYS B 129 18.22 2.43 -3.42
C LYS B 129 17.21 2.26 -2.29
N PRO B 130 16.74 3.37 -1.70
CA PRO B 130 15.76 3.27 -0.62
C PRO B 130 14.45 2.77 -1.22
N VAL B 131 13.76 1.87 -0.53
CA VAL B 131 12.50 1.35 -1.03
C VAL B 131 11.50 2.48 -1.26
N ILE B 132 11.49 3.45 -0.36
CA ILE B 132 10.59 4.59 -0.47
C ILE B 132 11.37 5.90 -0.49
N UNK B 143 25.75 4.09 -5.14
CA UNK B 143 26.42 3.06 -5.92
C UNK B 143 27.47 2.36 -5.08
N UNK B 144 27.30 1.04 -4.91
CA UNK B 144 28.23 0.24 -4.13
C UNK B 144 29.36 -0.22 -5.04
N UNK B 145 30.58 0.24 -4.75
CA UNK B 145 31.75 -0.09 -5.56
C UNK B 145 32.27 -1.51 -5.38
N UNK B 146 32.38 -1.94 -4.12
CA UNK B 146 32.88 -3.28 -3.81
C UNK B 146 32.28 -3.78 -2.50
N UNK B 147 32.60 -5.01 -2.13
CA UNK B 147 32.09 -5.60 -0.89
C UNK B 147 32.35 -4.69 0.31
N UNK B 148 33.52 -4.06 0.34
CA UNK B 148 33.88 -3.18 1.44
C UNK B 148 32.89 -2.01 1.53
N UNK B 149 32.59 -1.41 0.38
CA UNK B 149 31.65 -0.30 0.33
C UNK B 149 30.26 -0.78 0.75
N UNK B 150 29.91 -1.98 0.27
CA UNK B 150 28.62 -2.57 0.60
C UNK B 150 28.49 -2.70 2.11
N UNK B 151 29.46 -3.36 2.73
CA UNK B 151 29.46 -3.56 4.18
C UNK B 151 29.33 -2.22 4.90
N UNK B 152 30.12 -1.25 4.48
CA UNK B 152 30.09 0.08 5.09
C UNK B 152 28.69 0.68 5.02
N UNK B 153 28.11 0.67 3.82
CA UNK B 153 26.78 1.22 3.62
C UNK B 153 25.74 0.50 4.46
N UNK B 154 25.77 -0.84 4.41
CA UNK B 154 24.82 -1.66 5.15
C UNK B 154 24.91 -1.36 6.66
N GLY B 160 6.78 2.38 7.76
CA GLY B 160 5.93 1.31 8.28
C GLY B 160 6.28 -0.03 7.69
N PHE B 161 5.71 -0.33 6.53
CA PHE B 161 5.96 -1.59 5.83
C PHE B 161 7.32 -1.51 5.13
N GLN B 162 8.14 -0.55 5.55
CA GLN B 162 9.45 -0.35 4.95
C GLN B 162 10.62 -0.61 5.89
N HIS B 163 10.34 -1.28 7.01
CA HIS B 163 11.37 -1.57 7.99
C HIS B 163 12.36 -2.64 7.52
N GLN B 164 13.64 -2.24 7.44
CA GLN B 164 14.72 -3.13 7.02
C GLN B 164 14.58 -3.82 5.67
N LEU B 165 14.32 -3.04 4.63
CA LEU B 165 14.20 -3.60 3.30
C LEU B 165 15.35 -2.99 2.49
N PHE B 166 15.96 -3.80 1.64
CA PHE B 166 17.07 -3.33 0.83
C PHE B 166 16.80 -3.63 -0.63
N TYR B 167 16.54 -2.58 -1.39
CA TYR B 167 16.24 -2.68 -2.81
C TYR B 167 17.56 -2.69 -3.60
N ILE B 168 17.87 -3.83 -4.23
CA ILE B 168 19.10 -3.99 -5.00
C ILE B 168 18.89 -4.13 -6.50
N GLN B 169 19.69 -3.41 -7.28
CA GLN B 169 19.60 -3.48 -8.73
C GLN B 169 20.98 -3.59 -9.36
N GLU B 170 21.06 -4.23 -10.52
CA GLU B 170 22.32 -4.39 -11.22
C GLU B 170 22.72 -3.00 -11.74
N TYR B 171 24.02 -2.77 -11.92
CA TYR B 171 24.48 -1.51 -12.45
C TYR B 171 24.31 -1.64 -13.95
N VAL B 172 23.70 -0.64 -14.57
CA VAL B 172 23.46 -0.69 -16.00
C VAL B 172 24.33 0.25 -16.84
N GLU B 173 24.86 -0.28 -17.95
CA GLU B 173 25.67 0.52 -18.85
C GLU B 173 24.68 1.24 -19.77
N LYS B 174 24.84 2.56 -19.89
CA LYS B 174 23.93 3.34 -20.71
C LYS B 174 24.50 3.93 -22.00
N PRO B 175 24.32 3.23 -23.13
CA PRO B 175 24.82 3.71 -24.43
C PRO B 175 24.06 4.98 -24.82
N GLY B 176 22.89 5.17 -24.20
CA GLY B 176 22.07 6.33 -24.49
C GLY B 176 21.66 7.08 -23.24
N ARG B 177 21.10 8.26 -23.40
CA ARG B 177 20.67 9.07 -22.27
C ARG B 177 19.36 8.54 -21.69
N ASP B 178 19.11 8.86 -20.42
CA ASP B 178 17.88 8.44 -19.76
C ASP B 178 16.72 9.24 -20.35
N ILE B 179 15.56 8.59 -20.45
CA ILE B 179 14.39 9.25 -21.00
C ILE B 179 13.25 9.30 -19.97
N ARG B 180 12.60 10.46 -19.88
CA ARG B 180 11.46 10.62 -18.99
C ARG B 180 10.27 10.86 -19.91
N VAL B 181 9.29 9.97 -19.84
CA VAL B 181 8.11 10.07 -20.68
C VAL B 181 6.87 10.43 -19.85
N PHE B 182 6.18 11.49 -20.27
CA PHE B 182 4.97 11.92 -19.58
C PHE B 182 3.77 11.18 -20.17
N VAL B 183 3.16 10.33 -19.36
CA VAL B 183 2.00 9.55 -19.78
C VAL B 183 0.72 10.04 -19.15
N VAL B 184 -0.29 10.26 -19.99
CA VAL B 184 -1.60 10.73 -19.54
C VAL B 184 -2.60 9.73 -20.10
N GLY B 185 -3.13 8.88 -19.23
CA GLY B 185 -4.07 7.87 -19.68
C GLY B 185 -3.36 6.86 -20.56
N GLU B 186 -3.92 6.61 -21.74
CA GLU B 186 -3.34 5.66 -22.67
C GLU B 186 -2.42 6.33 -23.68
N ARG B 187 -2.02 7.56 -23.40
CA ARG B 187 -1.14 8.29 -24.33
C ARG B 187 0.14 8.84 -23.73
N ALA B 188 1.25 8.62 -24.43
CA ALA B 188 2.53 9.18 -24.04
C ALA B 188 2.46 10.52 -24.76
N ILE B 189 2.40 11.62 -24.02
CA ILE B 189 2.26 12.92 -24.66
C ILE B 189 3.53 13.75 -24.89
N ALA B 190 4.60 13.38 -24.20
CA ALA B 190 5.86 14.11 -24.34
C ALA B 190 6.98 13.32 -23.68
N ALA B 191 8.22 13.64 -24.06
CA ALA B 191 9.38 12.96 -23.50
C ALA B 191 10.58 13.87 -23.55
N ILE B 192 11.50 13.67 -22.63
CA ILE B 192 12.72 14.49 -22.58
C ILE B 192 13.93 13.64 -22.23
N TYR B 193 15.10 14.08 -22.69
CA TYR B 193 16.35 13.39 -22.40
C TYR B 193 16.89 13.98 -21.09
N ARG B 194 17.87 13.31 -20.49
CA ARG B 194 18.43 13.78 -19.24
C ARG B 194 19.93 13.45 -19.19
N ALA B 209 18.60 19.57 -20.07
CA ALA B 209 17.56 18.66 -20.55
C ALA B 209 17.19 19.00 -21.99
N GLU B 210 16.88 17.97 -22.77
CA GLU B 210 16.51 18.15 -24.17
C GLU B 210 15.26 17.37 -24.55
N ASN B 211 14.55 17.86 -25.55
CA ASN B 211 13.33 17.22 -26.03
C ASN B 211 13.65 15.88 -26.69
N CYS B 212 12.88 14.86 -26.35
CA CYS B 212 13.06 13.54 -26.93
C CYS B 212 11.87 13.19 -27.80
N PRO B 213 11.98 13.42 -29.12
CA PRO B 213 10.85 13.11 -30.01
C PRO B 213 10.39 11.68 -29.76
N LEU B 214 9.16 11.53 -29.29
CA LEU B 214 8.61 10.22 -28.99
C LEU B 214 8.55 9.28 -30.19
N THR B 215 9.02 8.05 -29.99
CA THR B 215 8.99 7.03 -31.03
C THR B 215 7.97 5.97 -30.62
N GLU B 216 7.57 5.14 -31.56
CA GLU B 216 6.60 4.08 -31.29
C GLU B 216 7.06 3.22 -30.11
N GLU B 217 8.31 2.76 -30.16
CA GLU B 217 8.89 1.93 -29.11
C GLU B 217 8.79 2.55 -27.72
N VAL B 218 9.31 3.77 -27.59
CA VAL B 218 9.30 4.45 -26.30
C VAL B 218 7.89 4.73 -25.81
N ALA B 219 7.03 5.18 -26.72
CA ALA B 219 5.64 5.50 -26.36
C ALA B 219 4.87 4.28 -25.87
N ARG B 220 4.97 3.16 -26.59
CA ARG B 220 4.26 1.94 -26.20
C ARG B 220 4.74 1.36 -24.86
N LEU B 221 6.05 1.36 -24.64
CA LEU B 221 6.60 0.82 -23.39
C LEU B 221 6.17 1.69 -22.20
N SER B 222 6.20 3.00 -22.40
CA SER B 222 5.83 3.94 -21.35
C SER B 222 4.37 3.82 -20.94
N VAL B 223 3.48 3.62 -21.90
CA VAL B 223 2.07 3.48 -21.61
C VAL B 223 1.83 2.14 -20.91
N LYS B 224 2.57 1.11 -21.33
CA LYS B 224 2.41 -0.18 -20.68
C LYS B 224 2.92 -0.11 -19.25
N ALA B 225 3.98 0.67 -19.02
CA ALA B 225 4.51 0.80 -17.66
C ALA B 225 3.47 1.52 -16.81
N ALA B 226 2.84 2.54 -17.38
CA ALA B 226 1.80 3.32 -16.68
C ALA B 226 0.64 2.39 -16.32
N GLU B 227 0.26 1.54 -17.27
CA GLU B 227 -0.82 0.60 -17.06
C GLU B 227 -0.46 -0.40 -15.97
N ALA B 228 0.79 -0.84 -15.96
CA ALA B 228 1.27 -1.83 -14.99
C ALA B 228 1.10 -1.42 -13.54
N VAL B 229 1.23 -0.12 -13.25
CA VAL B 229 1.08 0.35 -11.88
C VAL B 229 -0.35 0.79 -11.55
N GLY B 230 -1.26 0.65 -12.52
CA GLY B 230 -2.65 1.01 -12.27
C GLY B 230 -3.26 2.06 -13.17
N GLY B 231 -2.43 2.72 -13.98
CA GLY B 231 -2.93 3.73 -14.89
C GLY B 231 -3.03 5.13 -14.31
N GLY B 232 -3.32 6.10 -15.15
CA GLY B 232 -3.45 7.46 -14.66
C GLY B 232 -2.45 8.41 -15.30
N VAL B 233 -1.93 9.32 -14.50
CA VAL B 233 -0.97 10.31 -14.97
C VAL B 233 0.35 10.07 -14.27
N VAL B 234 1.35 9.63 -15.03
CA VAL B 234 2.66 9.34 -14.45
C VAL B 234 3.82 9.67 -15.39
N ALA B 235 5.01 9.79 -14.82
CA ALA B 235 6.21 10.05 -15.62
C ALA B 235 7.00 8.75 -15.55
N VAL B 236 7.28 8.16 -16.71
CA VAL B 236 8.02 6.91 -16.77
C VAL B 236 9.49 7.20 -17.13
N ASP B 237 10.39 6.83 -16.23
CA ASP B 237 11.82 7.04 -16.46
C ASP B 237 12.39 5.76 -17.05
N LEU B 238 13.02 5.88 -18.22
CA LEU B 238 13.61 4.75 -18.93
C LEU B 238 15.12 4.86 -19.09
N PHE B 239 15.76 3.70 -19.24
CA PHE B 239 17.22 3.61 -19.47
C PHE B 239 17.40 3.09 -20.89
N GLU B 240 18.29 3.72 -21.65
CA GLU B 240 18.59 3.23 -23.00
C GLU B 240 19.86 2.40 -22.79
N SER B 241 19.68 1.15 -22.37
CA SER B 241 20.80 0.27 -22.09
C SER B 241 21.25 -0.62 -23.24
N GLU B 242 22.30 -1.39 -22.99
CA GLU B 242 22.84 -2.31 -23.97
C GLU B 242 21.82 -3.39 -24.32
N ARG B 243 20.94 -3.69 -23.36
CA ARG B 243 19.90 -4.70 -23.57
C ARG B 243 18.64 -4.07 -24.15
N GLY B 244 18.70 -2.76 -24.39
CA GLY B 244 17.56 -2.06 -24.95
C GLY B 244 16.89 -1.14 -23.94
N LEU B 245 15.62 -0.82 -24.18
CA LEU B 245 14.87 0.03 -23.26
C LEU B 245 14.51 -0.70 -21.97
N LEU B 246 14.83 -0.10 -20.83
CA LEU B 246 14.51 -0.68 -19.54
C LEU B 246 13.74 0.35 -18.70
N VAL B 247 12.70 -0.09 -18.00
CA VAL B 247 11.93 0.81 -17.16
C VAL B 247 12.63 0.96 -15.82
N ASN B 248 13.02 2.17 -15.48
CA ASN B 248 13.71 2.42 -14.21
C ASN B 248 12.73 2.76 -13.09
N GLU B 249 11.89 3.77 -13.31
CA GLU B 249 10.92 4.15 -12.28
C GLU B 249 9.65 4.74 -12.88
N VAL B 250 8.62 4.86 -12.05
CA VAL B 250 7.35 5.44 -12.47
C VAL B 250 6.89 6.40 -11.36
N ASN B 251 6.69 7.67 -11.71
CA ASN B 251 6.31 8.70 -10.73
C ASN B 251 4.82 9.06 -10.77
N HIS B 252 4.17 8.95 -9.62
CA HIS B 252 2.74 9.25 -9.49
C HIS B 252 2.32 10.72 -9.46
N THR B 253 3.25 11.63 -9.20
CA THR B 253 2.92 13.06 -9.18
C THR B 253 4.00 13.81 -9.96
N MET B 254 4.09 13.48 -11.24
CA MET B 254 5.07 14.04 -12.16
C MET B 254 5.29 15.54 -12.16
N GLU B 255 6.56 15.93 -12.17
CA GLU B 255 6.99 17.32 -12.18
C GLU B 255 7.24 17.64 -13.66
N PHE B 256 6.84 18.83 -14.09
CA PHE B 256 6.96 19.19 -15.50
C PHE B 256 7.22 20.66 -15.79
N LYS B 257 7.55 21.44 -14.77
CA LYS B 257 7.79 22.87 -14.97
C LYS B 257 8.76 23.23 -16.09
N ASN B 258 9.87 22.51 -16.21
CA ASN B 258 10.85 22.79 -17.26
C ASN B 258 10.51 22.11 -18.58
N SER B 259 9.86 20.95 -18.50
CA SER B 259 9.51 20.16 -19.68
C SER B 259 8.52 20.77 -20.65
N VAL B 260 7.69 21.68 -20.16
CA VAL B 260 6.72 22.33 -21.02
C VAL B 260 7.49 23.10 -22.10
N HIS B 261 8.42 23.94 -21.67
CA HIS B 261 9.22 24.69 -22.62
C HIS B 261 10.09 23.76 -23.46
N THR B 262 10.73 22.80 -22.82
CA THR B 262 11.60 21.85 -23.52
C THR B 262 10.89 21.04 -24.59
N THR B 263 9.72 20.50 -24.26
CA THR B 263 8.97 19.66 -25.20
C THR B 263 8.00 20.42 -26.10
N GLY B 264 7.56 21.59 -25.66
CA GLY B 264 6.62 22.35 -26.45
C GLY B 264 5.20 21.79 -26.31
N VAL B 265 5.03 20.89 -25.35
CA VAL B 265 3.72 20.26 -25.12
C VAL B 265 3.06 20.81 -23.85
N ASP B 266 1.76 21.08 -23.94
CA ASP B 266 0.98 21.59 -22.81
C ASP B 266 0.64 20.45 -21.85
N ILE B 267 1.65 20.01 -21.10
CA ILE B 267 1.49 18.93 -20.13
C ILE B 267 0.42 19.24 -19.08
N PRO B 268 0.47 20.45 -18.47
CA PRO B 268 -0.53 20.82 -17.45
C PRO B 268 -1.95 20.70 -17.98
N GLY B 269 -2.18 21.25 -19.16
CA GLY B 269 -3.49 21.21 -19.77
C GLY B 269 -3.96 19.79 -20.06
N GLU B 270 -3.05 18.92 -20.49
CA GLU B 270 -3.39 17.54 -20.78
C GLU B 270 -3.81 16.84 -19.49
N ILE B 271 -3.05 17.08 -18.43
CA ILE B 271 -3.35 16.48 -17.14
C ILE B 271 -4.75 16.87 -16.67
N LEU B 272 -5.04 18.17 -16.69
CA LEU B 272 -6.33 18.71 -16.27
C LEU B 272 -7.51 18.15 -17.08
N LYS B 273 -7.34 18.06 -18.39
CA LYS B 273 -8.40 17.55 -19.26
C LYS B 273 -8.66 16.08 -18.93
N TYR B 274 -7.60 15.32 -18.69
CA TYR B 274 -7.77 13.91 -18.36
C TYR B 274 -8.57 13.78 -17.07
N ALA B 275 -8.16 14.51 -16.04
CA ALA B 275 -8.85 14.46 -14.76
C ALA B 275 -10.32 14.83 -14.94
N TRP B 276 -10.57 15.96 -15.59
CA TRP B 276 -11.92 16.46 -15.85
C TRP B 276 -12.80 15.43 -16.55
N SER B 277 -12.20 14.60 -17.41
CA SER B 277 -12.96 13.59 -18.15
C SER B 277 -13.44 12.45 -17.24
N LEU B 278 -12.74 12.24 -16.12
CA LEU B 278 -13.11 11.19 -15.18
C LEU B 278 -14.16 11.68 -14.20
N ALA B 279 -14.49 12.97 -14.30
CA ALA B 279 -15.47 13.59 -13.42
C ALA B 279 -16.76 12.79 -13.33
N SER B 280 -17.34 12.77 -12.13
CA SER B 280 -18.59 12.07 -11.88
C SER B 280 -19.31 12.80 -10.75
#